data_5IET
#
_entry.id   5IET
#
_cell.length_a   100.520
_cell.length_b   100.520
_cell.length_c   229.191
_cell.angle_alpha   90.00
_cell.angle_beta   90.00
_cell.angle_gamma   120.00
#
_symmetry.space_group_name_H-M   'P 6 2 2'
#
loop_
_entity.id
_entity.type
_entity.pdbx_description
1 polymer 'Bacterial proteasome activator'
2 non-polymer 'SULFATE ION'
3 non-polymer (4S)-2-METHYL-2,4-PENTANEDIOL
4 water water
#
_entity_poly.entity_id   1
_entity_poly.type   'polypeptide(L)'
_entity_poly.pdbx_seq_one_letter_code
;(MSE)EVIGGVDPRLIAVQENDSDESSLTDLVEQPAKV(MSE)RIGT(MSE)IKQLLEEVRAAPLDEASRNRLRDIHATS
IRELEDGLAPELREELDRLTLPFNEDAVPSDAELRIAQAQLVGWLEGLFHGIQTALFAQQ(MSE)AARAQLQQ(MSE)RQ
AALEHHHHHH
;
_entity_poly.pdbx_strand_id   B,A
#
loop_
_chem_comp.id
_chem_comp.type
_chem_comp.name
_chem_comp.formula
MPD non-polymer (4S)-2-METHYL-2,4-PENTANEDIOL 'C6 H14 O2'
SO4 non-polymer 'SULFATE ION' 'O4 S -2'
#
# COMPACT_ATOMS: atom_id res chain seq x y z
N SER A 23 -0.60 21.68 16.64
CA SER A 23 -1.82 20.82 16.76
C SER A 23 -1.46 19.36 16.46
N LEU A 24 -2.21 18.46 17.09
CA LEU A 24 -2.00 17.03 16.91
C LEU A 24 -2.43 16.60 15.52
N THR A 25 -3.40 17.33 14.98
CA THR A 25 -4.01 16.98 13.72
C THR A 25 -3.15 17.40 12.51
N ASP A 26 -2.20 18.31 12.73
CA ASP A 26 -1.28 18.74 11.68
C ASP A 26 -0.15 17.74 11.40
N LEU A 27 -0.03 16.70 12.21
CA LEU A 27 1.06 15.73 12.05
C LEU A 27 0.93 14.91 10.78
N VAL A 28 -0.30 14.61 10.39
CA VAL A 28 -0.56 13.87 9.17
C VAL A 28 -1.18 14.82 8.17
N GLU A 29 -0.38 15.23 7.18
CA GLU A 29 -0.81 16.22 6.20
C GLU A 29 -1.70 15.59 5.13
N GLN A 30 -1.47 14.31 4.82
CA GLN A 30 -2.27 13.59 3.86
C GLN A 30 -2.74 12.23 4.44
N PRO A 31 -3.81 12.27 5.24
CA PRO A 31 -4.37 11.07 5.87
C PRO A 31 -4.75 9.95 4.91
N ALA A 32 -5.45 10.29 3.82
CA ALA A 32 -5.91 9.28 2.87
C ALA A 32 -4.76 8.60 2.15
N LYS A 33 -3.70 9.34 1.87
CA LYS A 33 -2.54 8.76 1.22
C LYS A 33 -1.81 7.80 2.16
N VAL A 34 -1.60 8.24 3.41
CA VAL A 34 -0.94 7.41 4.42
C VAL A 34 -1.72 6.12 4.66
N MSE A 35 -3.05 6.19 4.69
CA MSE A 35 -3.88 4.99 4.82
C MSE A 35 -3.74 4.08 3.63
O MSE A 35 -3.76 2.85 3.75
CB MSE A 35 -5.35 5.36 5.03
CG MSE A 35 -5.52 6.04 6.39
SE MSE A 35 -7.41 6.35 6.90
CE MSE A 35 -7.79 4.46 7.26
N ARG A 36 -3.58 4.68 2.46
CA ARG A 36 -3.49 3.94 1.21
C ARG A 36 -2.18 3.17 1.11
N ILE A 37 -1.07 3.83 1.42
CA ILE A 37 0.25 3.20 1.43
C ILE A 37 0.35 2.19 2.57
N GLY A 38 -0.24 2.54 3.71
CA GLY A 38 -0.22 1.65 4.88
C GLY A 38 -0.92 0.33 4.62
N THR A 39 -2.09 0.40 4.01
CA THR A 39 -2.84 -0.82 3.70
C THR A 39 -2.06 -1.69 2.69
N MSE A 40 -1.44 -1.05 1.71
CA MSE A 40 -0.57 -1.76 0.77
C MSE A 40 0.50 -2.51 1.50
O MSE A 40 0.73 -3.68 1.22
CB MSE A 40 0.06 -0.78 -0.23
CG MSE A 40 0.98 -1.46 -1.24
SE MSE A 40 1.99 -0.10 -2.23
CE MSE A 40 3.36 0.08 -0.83
N ILE A 41 1.17 -1.85 2.45
CA ILE A 41 2.27 -2.47 3.18
C ILE A 41 1.79 -3.62 4.03
N LYS A 42 0.65 -3.43 4.70
CA LYS A 42 0.14 -4.48 5.58
C LYS A 42 -0.19 -5.73 4.79
N GLN A 43 -0.80 -5.56 3.62
CA GLN A 43 -1.17 -6.71 2.80
C GLN A 43 0.02 -7.41 2.18
N LEU A 44 1.09 -6.67 1.92
CA LEU A 44 2.30 -7.31 1.43
C LEU A 44 2.91 -8.17 2.52
N LEU A 45 2.91 -7.65 3.74
CA LEU A 45 3.44 -8.38 4.89
C LEU A 45 2.65 -9.67 5.09
N GLU A 46 1.32 -9.57 5.03
CA GLU A 46 0.47 -10.75 5.06
C GLU A 46 0.80 -11.76 3.96
N GLU A 47 1.07 -11.29 2.73
CA GLU A 47 1.45 -12.20 1.64
C GLU A 47 2.74 -12.91 1.94
N VAL A 48 3.68 -12.17 2.51
CA VAL A 48 5.01 -12.71 2.79
C VAL A 48 4.92 -13.80 3.85
N ARG A 49 4.17 -13.51 4.91
CA ARG A 49 3.91 -14.46 6.00
C ARG A 49 3.29 -15.80 5.52
N ALA A 50 2.51 -15.75 4.46
CA ALA A 50 1.73 -16.90 3.99
C ALA A 50 2.56 -18.02 3.33
N ALA A 51 3.65 -17.68 2.65
CA ALA A 51 4.45 -18.67 1.96
C ALA A 51 5.89 -18.19 1.69
N PRO A 52 6.83 -19.13 1.46
CA PRO A 52 8.21 -18.74 1.18
C PRO A 52 8.33 -17.97 -0.13
N LEU A 53 9.16 -16.92 -0.10
CA LEU A 53 9.43 -16.09 -1.27
C LEU A 53 10.64 -16.65 -2.00
N ASP A 54 10.94 -16.07 -3.16
CA ASP A 54 12.16 -16.38 -3.89
C ASP A 54 12.92 -15.11 -4.17
N GLU A 55 14.09 -15.24 -4.81
CA GLU A 55 15.02 -14.13 -4.95
C GLU A 55 14.38 -12.94 -5.67
N ALA A 56 13.73 -13.20 -6.80
CA ALA A 56 13.14 -12.12 -7.58
C ALA A 56 12.11 -11.28 -6.81
N SER A 57 11.25 -11.94 -6.02
CA SER A 57 10.23 -11.23 -5.24
C SER A 57 10.83 -10.52 -4.03
N ARG A 58 11.89 -11.10 -3.45
CA ARG A 58 12.58 -10.43 -2.35
C ARG A 58 13.24 -9.15 -2.84
N ASN A 59 13.87 -9.24 -4.01
CA ASN A 59 14.45 -8.07 -4.67
C ASN A 59 13.41 -7.00 -4.99
N ARG A 60 12.21 -7.43 -5.33
CA ARG A 60 11.15 -6.50 -5.66
C ARG A 60 10.62 -5.83 -4.42
N LEU A 61 10.39 -6.65 -3.39
CA LEU A 61 9.88 -6.13 -2.12
C LEU A 61 10.82 -5.12 -1.49
N ARG A 62 12.12 -5.32 -1.64
CA ARG A 62 13.09 -4.36 -1.14
C ARG A 62 12.90 -3.00 -1.77
N ASP A 63 12.73 -2.97 -3.10
CA ASP A 63 12.49 -1.74 -3.83
C ASP A 63 11.19 -1.10 -3.38
N ILE A 64 10.14 -1.90 -3.25
CA ILE A 64 8.85 -1.38 -2.78
C ILE A 64 8.98 -0.76 -1.39
N HIS A 65 9.81 -1.37 -0.55
CA HIS A 65 9.99 -0.89 0.81
C HIS A 65 10.60 0.51 0.83
N ALA A 66 11.60 0.73 -0.02
CA ALA A 66 12.24 2.04 -0.11
C ALA A 66 11.28 3.10 -0.63
N THR A 67 10.53 2.78 -1.68
CA THR A 67 9.52 3.69 -2.24
C THR A 67 8.43 3.99 -1.21
N SER A 68 8.01 2.96 -0.48
CA SER A 68 7.01 3.09 0.58
C SER A 68 7.32 4.15 1.62
N ILE A 69 8.55 4.09 2.14
CA ILE A 69 8.97 5.05 3.14
C ILE A 69 8.85 6.48 2.62
N ARG A 70 9.21 6.67 1.35
CA ARG A 70 9.14 7.99 0.74
C ARG A 70 7.69 8.45 0.54
N GLU A 71 6.84 7.55 0.07
CA GLU A 71 5.45 7.90 -0.15
C GLU A 71 4.80 8.24 1.19
N LEU A 72 5.12 7.48 2.23
CA LEU A 72 4.65 7.80 3.59
C LEU A 72 5.13 9.18 4.01
N GLU A 73 6.42 9.44 3.89
CA GLU A 73 7.02 10.73 4.26
C GLU A 73 6.34 11.90 3.53
N ASP A 74 5.98 11.68 2.27
CA ASP A 74 5.26 12.67 1.49
C ASP A 74 3.96 13.08 2.17
N GLY A 75 3.37 12.20 2.97
CA GLY A 75 2.08 12.46 3.62
C GLY A 75 2.15 12.91 5.06
N LEU A 76 3.36 13.02 5.61
CA LEU A 76 3.55 13.35 7.03
C LEU A 76 4.22 14.69 7.22
N ALA A 77 3.95 15.32 8.35
CA ALA A 77 4.67 16.51 8.79
C ALA A 77 6.17 16.19 8.98
N PRO A 78 7.04 17.18 8.73
CA PRO A 78 8.50 17.02 8.86
C PRO A 78 8.96 16.36 10.16
N GLU A 79 8.40 16.82 11.27
CA GLU A 79 8.61 16.22 12.57
C GLU A 79 8.53 14.67 12.56
N LEU A 80 7.51 14.12 11.89
CA LEU A 80 7.34 12.67 11.77
C LEU A 80 8.20 12.02 10.67
N ARG A 81 8.47 12.76 9.59
CA ARG A 81 9.41 12.29 8.57
C ARG A 81 10.74 11.97 9.25
N GLU A 82 11.19 12.91 10.07
CA GLU A 82 12.45 12.77 10.80
C GLU A 82 12.43 11.64 11.83
N GLU A 83 11.32 11.48 12.53
CA GLU A 83 11.13 10.30 13.38
C GLU A 83 11.22 9.00 12.55
N LEU A 84 10.45 8.94 11.47
CA LEU A 84 10.44 7.75 10.63
C LEU A 84 11.83 7.44 10.08
N ASP A 85 12.52 8.51 9.67
CA ASP A 85 13.89 8.39 9.18
C ASP A 85 14.86 7.90 10.25
N ARG A 86 14.71 8.33 11.50
CA ARG A 86 15.55 7.79 12.59
C ARG A 86 15.26 6.30 12.83
N LEU A 87 14.00 5.91 12.70
CA LEU A 87 13.57 4.55 13.07
C LEU A 87 13.84 3.51 12.00
N THR A 88 13.73 3.88 10.72
CA THR A 88 13.82 2.94 9.62
C THR A 88 15.17 3.02 8.94
N LEU A 89 15.38 2.14 7.97
CA LEU A 89 16.67 2.03 7.31
C LEU A 89 16.52 1.32 5.96
N PRO A 90 16.88 1.99 4.85
CA PRO A 90 16.78 1.31 3.55
C PRO A 90 17.84 0.23 3.41
N PHE A 91 17.56 -0.80 2.64
CA PHE A 91 18.44 -1.95 2.54
C PHE A 91 19.62 -1.59 1.65
N ASN A 92 20.76 -2.25 1.91
CA ASN A 92 21.92 -2.13 1.04
C ASN A 92 21.52 -2.55 -0.36
N GLU A 93 21.78 -1.71 -1.35
CA GLU A 93 21.33 -2.00 -2.72
C GLU A 93 22.09 -3.17 -3.36
N ASP A 94 23.25 -3.51 -2.79
CA ASP A 94 24.06 -4.62 -3.28
C ASP A 94 23.78 -5.95 -2.57
N ALA A 95 22.57 -6.13 -2.06
CA ALA A 95 22.20 -7.36 -1.36
C ALA A 95 20.69 -7.49 -1.27
N VAL A 96 20.19 -8.68 -1.60
CA VAL A 96 18.77 -8.98 -1.52
C VAL A 96 18.51 -9.50 -0.12
N PRO A 97 17.69 -8.78 0.66
CA PRO A 97 17.45 -9.20 2.04
C PRO A 97 16.62 -10.47 2.12
N SER A 98 16.62 -11.13 3.27
CA SER A 98 15.90 -12.37 3.44
C SER A 98 14.41 -12.10 3.75
N ASP A 99 13.61 -13.17 3.64
CA ASP A 99 12.21 -13.17 4.04
C ASP A 99 12.02 -12.50 5.41
N ALA A 100 12.87 -12.89 6.37
CA ALA A 100 12.76 -12.40 7.76
C ALA A 100 13.05 -10.92 7.88
N GLU A 101 14.13 -10.46 7.25
CA GLU A 101 14.44 -9.03 7.22
C GLU A 101 13.28 -8.20 6.70
N LEU A 102 12.69 -8.65 5.60
CA LEU A 102 11.57 -7.95 4.97
C LEU A 102 10.33 -7.93 5.86
N ARG A 103 10.07 -9.04 6.53
CA ARG A 103 8.98 -9.10 7.52
C ARG A 103 9.21 -8.13 8.69
N ILE A 104 10.46 -8.01 9.14
CA ILE A 104 10.78 -7.06 10.21
C ILE A 104 10.58 -5.62 9.73
N ALA A 105 11.16 -5.30 8.56
CA ALA A 105 11.03 -3.98 7.95
C ALA A 105 9.58 -3.57 7.76
N GLN A 106 8.72 -4.51 7.38
CA GLN A 106 7.31 -4.19 7.13
C GLN A 106 6.46 -4.14 8.39
N ALA A 107 6.75 -5.02 9.34
CA ALA A 107 6.09 -5.01 10.63
C ALA A 107 6.29 -3.68 11.35
N GLN A 108 7.53 -3.19 11.34
CA GLN A 108 7.84 -1.91 11.95
C GLN A 108 6.94 -0.81 11.40
N LEU A 109 6.85 -0.74 10.07
CA LEU A 109 6.02 0.26 9.40
C LEU A 109 4.54 0.11 9.73
N VAL A 110 4.05 -1.12 9.79
CA VAL A 110 2.64 -1.33 10.08
C VAL A 110 2.33 -0.90 11.52
N GLY A 111 3.12 -1.42 12.47
CA GLY A 111 2.95 -1.05 13.87
C GLY A 111 2.96 0.44 14.11
N TRP A 112 3.99 1.11 13.58
CA TRP A 112 4.15 2.56 13.75
C TRP A 112 2.97 3.30 13.16
N LEU A 113 2.53 2.88 11.97
CA LEU A 113 1.39 3.50 11.30
C LEU A 113 0.06 3.33 12.05
N GLU A 114 -0.21 2.14 12.55
CA GLU A 114 -1.41 1.91 13.36
C GLU A 114 -1.27 2.66 14.68
N GLY A 115 -0.09 2.57 15.29
CA GLY A 115 0.20 3.36 16.47
C GLY A 115 -0.04 4.84 16.23
N LEU A 116 0.40 5.32 15.07
CA LEU A 116 0.29 6.74 14.72
C LEU A 116 -1.15 7.22 14.78
N PHE A 117 -2.03 6.54 14.06
CA PHE A 117 -3.42 6.97 13.97
C PHE A 117 -4.15 6.75 15.28
N HIS A 118 -4.02 5.55 15.84
CA HIS A 118 -4.65 5.23 17.11
C HIS A 118 -4.23 6.20 18.21
N GLY A 119 -2.95 6.58 18.20
CA GLY A 119 -2.40 7.51 19.18
C GLY A 119 -2.98 8.90 19.08
N ILE A 120 -3.11 9.40 17.86
CA ILE A 120 -3.66 10.74 17.63
C ILE A 120 -5.14 10.79 18.01
N GLN A 121 -5.91 9.80 17.57
CA GLN A 121 -7.35 9.73 17.86
C GLN A 121 -7.60 9.61 19.35
N THR A 122 -6.88 8.72 20.01
CA THR A 122 -6.97 8.54 21.45
C THR A 122 -6.62 9.82 22.22
N ALA A 123 -5.46 10.40 21.90
CA ALA A 123 -5.01 11.64 22.54
C ALA A 123 -6.00 12.78 22.31
N LEU A 124 -6.51 12.89 21.09
CA LEU A 124 -7.49 13.94 20.74
C LEU A 124 -8.79 13.76 21.53
N PHE A 125 -9.29 12.54 21.57
CA PHE A 125 -10.51 12.22 22.32
C PHE A 125 -10.39 12.61 23.79
N ALA A 126 -9.20 12.43 24.36
CA ALA A 126 -8.94 12.75 25.77
C ALA A 126 -8.84 14.25 26.05
N GLN A 127 -8.29 15.01 25.09
CA GLN A 127 -8.23 16.47 25.20
C GLN A 127 -9.62 17.11 25.15
N GLN A 128 -10.54 16.49 24.41
CA GLN A 128 -11.93 16.95 24.33
C GLN A 128 -12.72 16.61 25.60
N MSE A 129 -12.37 15.50 26.25
CA MSE A 129 -13.02 15.08 27.49
C MSE A 129 -12.60 15.95 28.67
O MSE A 129 -13.41 16.20 29.58
CB MSE A 129 -12.77 13.60 27.80
CG MSE A 129 -14.01 12.70 27.74
SE MSE A 129 -15.20 13.08 26.43
CE MSE A 129 -16.30 14.24 27.27
N ALA A 130 -11.36 16.41 28.66
CA ALA A 130 -10.87 17.36 29.66
C ALA A 130 -11.47 18.76 29.46
N ALA A 131 -11.75 19.11 28.21
CA ALA A 131 -12.35 20.41 27.86
C ALA A 131 -13.80 20.55 28.35
N ARG A 132 -14.52 19.42 28.45
CA ARG A 132 -15.89 19.42 28.98
C ARG A 132 -15.92 19.33 30.52
N ALA A 133 -15.06 20.11 31.19
CA ALA A 133 -14.99 20.15 32.65
C ALA A 133 -14.05 21.25 33.15
N SER B 23 -12.56 18.14 -4.10
CA SER B 23 -11.28 17.39 -3.97
C SER B 23 -11.51 16.03 -3.30
N LEU B 24 -10.46 15.21 -3.25
CA LEU B 24 -10.46 13.90 -2.59
C LEU B 24 -11.31 12.87 -3.36
N THR B 25 -12.57 13.19 -3.63
CA THR B 25 -13.41 12.40 -4.52
C THR B 25 -12.93 12.49 -5.98
N ASP B 26 -12.26 13.59 -6.32
CA ASP B 26 -11.73 13.79 -7.66
C ASP B 26 -10.54 12.89 -7.98
N LEU B 27 -10.01 12.21 -6.96
CA LEU B 27 -8.89 11.29 -7.13
C LEU B 27 -9.24 10.04 -7.93
N VAL B 28 -10.47 9.56 -7.77
CA VAL B 28 -10.94 8.41 -8.51
C VAL B 28 -11.99 8.87 -9.51
N GLU B 29 -11.60 8.97 -10.77
CA GLU B 29 -12.49 9.45 -11.83
C GLU B 29 -13.57 8.43 -12.20
N GLN B 30 -13.24 7.14 -12.08
CA GLN B 30 -14.15 6.05 -12.43
C GLN B 30 -14.19 4.97 -11.33
N PRO B 31 -14.92 5.25 -10.25
CA PRO B 31 -15.03 4.34 -9.10
C PRO B 31 -15.47 2.91 -9.44
N ALA B 32 -16.61 2.78 -10.11
CA ALA B 32 -17.16 1.47 -10.46
C ALA B 32 -16.18 0.67 -11.29
N LYS B 33 -15.43 1.32 -12.18
CA LYS B 33 -14.41 0.62 -12.98
C LYS B 33 -13.26 0.12 -12.11
N VAL B 34 -12.80 0.97 -11.19
CA VAL B 34 -11.72 0.61 -10.28
C VAL B 34 -12.13 -0.51 -9.34
N MSE B 35 -13.38 -0.51 -8.89
CA MSE B 35 -13.92 -1.59 -8.06
C MSE B 35 -13.96 -2.88 -8.83
O MSE B 35 -13.70 -3.96 -8.29
CB MSE B 35 -15.29 -1.22 -7.49
CG MSE B 35 -15.10 -0.18 -6.39
SE MSE B 35 -16.78 0.52 -5.62
CE MSE B 35 -17.09 -1.08 -4.51
N ARG B 36 -14.27 -2.78 -10.11
CA ARG B 36 -14.44 -3.94 -10.97
C ARG B 36 -13.10 -4.61 -11.24
N ILE B 37 -12.13 -3.80 -11.65
CA ILE B 37 -10.79 -4.31 -11.90
C ILE B 37 -10.14 -4.78 -10.59
N GLY B 38 -10.42 -4.09 -9.50
CA GLY B 38 -9.87 -4.44 -8.19
C GLY B 38 -10.38 -5.77 -7.70
N THR B 39 -11.70 -5.96 -7.79
CA THR B 39 -12.31 -7.23 -7.40
C THR B 39 -11.76 -8.40 -8.25
N MSE B 40 -11.47 -8.14 -9.52
CA MSE B 40 -10.90 -9.16 -10.41
C MSE B 40 -9.53 -9.57 -9.92
O MSE B 40 -9.25 -10.75 -9.78
CB MSE B 40 -10.88 -8.63 -11.83
CG MSE B 40 -10.26 -9.60 -12.82
SE MSE B 40 -9.54 -8.62 -14.36
CE MSE B 40 -11.15 -8.80 -15.44
N ILE B 41 -8.68 -8.58 -9.64
CA ILE B 41 -7.34 -8.83 -9.16
C ILE B 41 -7.39 -9.60 -7.85
N LYS B 42 -8.24 -9.17 -6.92
CA LYS B 42 -8.32 -9.82 -5.62
C LYS B 42 -8.65 -11.29 -5.70
N GLN B 43 -9.59 -11.62 -6.57
CA GLN B 43 -10.05 -13.00 -6.70
C GLN B 43 -9.08 -13.89 -7.44
N LEU B 44 -8.27 -13.29 -8.31
CA LEU B 44 -7.19 -14.02 -8.95
C LEU B 44 -6.12 -14.34 -7.94
N LEU B 45 -5.90 -13.41 -7.01
CA LEU B 45 -4.92 -13.64 -5.95
C LEU B 45 -5.38 -14.78 -5.05
N GLU B 46 -6.66 -14.78 -4.70
CA GLU B 46 -7.25 -15.91 -3.97
C GLU B 46 -7.05 -17.25 -4.70
N GLU B 47 -7.23 -17.26 -6.02
CA GLU B 47 -7.03 -18.48 -6.81
C GLU B 47 -5.59 -18.95 -6.86
N VAL B 48 -4.67 -18.00 -7.06
CA VAL B 48 -3.25 -18.29 -7.09
C VAL B 48 -2.83 -18.94 -5.77
N ARG B 49 -3.27 -18.33 -4.67
CA ARG B 49 -2.96 -18.77 -3.32
C ARG B 49 -3.44 -20.21 -3.02
N ALA B 50 -4.50 -20.65 -3.69
CA ALA B 50 -5.16 -21.92 -3.38
C ALA B 50 -4.42 -23.18 -3.85
N ALA B 51 -3.69 -23.08 -4.96
CA ALA B 51 -3.04 -24.25 -5.56
C ALA B 51 -1.84 -23.84 -6.43
N PRO B 52 -0.92 -24.80 -6.68
CA PRO B 52 0.25 -24.49 -7.52
C PRO B 52 -0.11 -24.27 -8.99
N LEU B 53 0.50 -23.24 -9.59
CA LEU B 53 0.27 -22.88 -10.98
C LEU B 53 1.28 -23.56 -11.92
N ASP B 54 1.01 -23.49 -13.22
CA ASP B 54 1.94 -23.98 -14.23
C ASP B 54 2.43 -22.82 -15.10
N GLU B 55 3.35 -23.12 -16.01
CA GLU B 55 3.97 -22.08 -16.84
C GLU B 55 2.96 -21.31 -17.66
N ALA B 56 1.99 -21.99 -18.25
CA ALA B 56 0.97 -21.29 -19.05
C ALA B 56 0.12 -20.34 -18.18
N SER B 57 -0.23 -20.80 -16.97
CA SER B 57 -1.02 -20.00 -16.01
C SER B 57 -0.27 -18.76 -15.59
N ARG B 58 1.01 -18.94 -15.25
CA ARG B 58 1.86 -17.83 -14.85
C ARG B 58 1.96 -16.80 -15.97
N ASN B 59 2.21 -17.32 -17.17
CA ASN B 59 2.34 -16.50 -18.34
C ASN B 59 1.09 -15.67 -18.60
N ARG B 60 -0.05 -16.29 -18.41
CA ARG B 60 -1.31 -15.63 -18.63
C ARG B 60 -1.50 -14.54 -17.59
N LEU B 61 -1.21 -14.88 -16.34
CA LEU B 61 -1.35 -13.93 -15.23
C LEU B 61 -0.47 -12.71 -15.38
N ARG B 62 0.75 -12.90 -15.86
CA ARG B 62 1.61 -11.77 -16.12
C ARG B 62 0.93 -10.80 -17.08
N ASP B 63 0.32 -11.32 -18.14
CA ASP B 63 -0.37 -10.48 -19.11
C ASP B 63 -1.56 -9.79 -18.46
N ILE B 64 -2.34 -10.52 -17.67
CA ILE B 64 -3.51 -9.95 -17.00
C ILE B 64 -3.04 -8.80 -16.11
N HIS B 65 -1.88 -8.98 -15.47
CA HIS B 65 -1.36 -7.98 -14.57
C HIS B 65 -1.08 -6.68 -15.31
N ALA B 66 -0.33 -6.78 -16.40
CA ALA B 66 -0.04 -5.62 -17.25
C ALA B 66 -1.31 -4.91 -17.66
N THR B 67 -2.32 -5.69 -18.06
CA THR B 67 -3.56 -5.15 -18.59
C THR B 67 -4.37 -4.47 -17.50
N SER B 68 -4.34 -5.04 -16.31
CA SER B 68 -5.16 -4.55 -15.21
C SER B 68 -4.65 -3.21 -14.70
N ILE B 69 -3.34 -3.02 -14.66
CA ILE B 69 -2.75 -1.73 -14.28
C ILE B 69 -3.19 -0.65 -15.26
N ARG B 70 -3.17 -0.99 -16.54
CA ARG B 70 -3.56 -0.07 -17.59
C ARG B 70 -5.02 0.33 -17.46
N GLU B 71 -5.90 -0.64 -17.18
CA GLU B 71 -7.32 -0.37 -16.93
C GLU B 71 -7.54 0.47 -15.68
N LEU B 72 -6.79 0.19 -14.62
CA LEU B 72 -6.85 0.99 -13.38
C LEU B 72 -6.49 2.45 -13.63
N GLU B 73 -5.34 2.66 -14.26
CA GLU B 73 -4.83 4.00 -14.56
C GLU B 73 -5.83 4.82 -15.35
N ASP B 74 -6.58 4.17 -16.23
CA ASP B 74 -7.65 4.81 -16.94
C ASP B 74 -8.71 5.41 -16.00
N GLY B 75 -8.91 4.80 -14.85
CA GLY B 75 -9.95 5.22 -13.90
C GLY B 75 -9.49 6.13 -12.79
N LEU B 76 -8.18 6.40 -12.74
CA LEU B 76 -7.59 7.24 -11.69
C LEU B 76 -7.25 8.63 -12.21
N ALA B 77 -7.25 9.60 -11.28
CA ALA B 77 -6.72 10.94 -11.55
C ALA B 77 -5.23 10.87 -11.73
N PRO B 78 -4.66 11.84 -12.44
CA PRO B 78 -3.22 11.87 -12.76
C PRO B 78 -2.27 11.69 -11.57
N GLU B 79 -2.53 12.37 -10.46
CA GLU B 79 -1.74 12.21 -9.24
C GLU B 79 -1.54 10.73 -8.91
N LEU B 80 -2.64 9.97 -8.97
CA LEU B 80 -2.65 8.56 -8.57
C LEU B 80 -2.09 7.62 -9.61
N ARG B 81 -2.34 7.92 -10.89
CA ARG B 81 -1.64 7.22 -11.98
C ARG B 81 -0.16 7.18 -11.71
N GLU B 82 0.38 8.35 -11.39
CA GLU B 82 1.79 8.53 -11.16
C GLU B 82 2.23 7.80 -9.90
N GLU B 83 1.47 7.95 -8.83
CA GLU B 83 1.73 7.20 -7.59
C GLU B 83 1.83 5.70 -7.89
N LEU B 84 0.87 5.18 -8.66
CA LEU B 84 0.91 3.80 -9.10
C LEU B 84 2.16 3.49 -9.93
N ASP B 85 2.47 4.38 -10.85
CA ASP B 85 3.63 4.20 -11.70
C ASP B 85 4.91 4.14 -10.88
N ARG B 86 5.00 4.97 -9.84
CA ARG B 86 6.16 4.92 -8.94
C ARG B 86 6.24 3.61 -8.15
N LEU B 87 5.09 3.12 -7.70
CA LEU B 87 5.04 1.94 -6.81
C LEU B 87 5.17 0.60 -7.53
N THR B 88 4.68 0.54 -8.76
CA THR B 88 4.58 -0.72 -9.50
C THR B 88 5.72 -0.86 -10.49
N LEU B 89 5.93 -2.09 -10.94
CA LEU B 89 6.92 -2.41 -11.96
C LEU B 89 6.39 -3.53 -12.86
N PRO B 90 6.24 -3.26 -14.16
CA PRO B 90 5.76 -4.34 -15.02
C PRO B 90 6.82 -5.41 -15.20
N PHE B 91 6.38 -6.66 -15.38
CA PHE B 91 7.30 -7.78 -15.52
C PHE B 91 8.00 -7.73 -16.87
N ASN B 92 9.27 -8.13 -16.87
CA ASN B 92 10.02 -8.35 -18.11
C ASN B 92 9.25 -9.34 -18.99
N GLU B 93 9.04 -8.97 -20.25
CA GLU B 93 8.19 -9.74 -21.15
C GLU B 93 8.85 -11.02 -21.67
N ASP B 94 10.16 -11.13 -21.51
CA ASP B 94 10.90 -12.30 -21.99
C ASP B 94 11.12 -13.36 -20.89
N ALA B 95 10.45 -13.20 -19.75
CA ALA B 95 10.54 -14.16 -18.66
C ALA B 95 9.19 -14.34 -17.97
N VAL B 96 8.81 -15.59 -17.76
CA VAL B 96 7.59 -15.91 -17.04
C VAL B 96 7.93 -15.83 -15.54
N PRO B 97 7.24 -14.93 -14.80
CA PRO B 97 7.54 -14.76 -13.38
C PRO B 97 7.02 -15.91 -12.55
N SER B 98 7.55 -16.10 -11.35
CA SER B 98 7.16 -17.21 -10.49
C SER B 98 5.82 -16.97 -9.77
N ASP B 99 5.33 -18.02 -9.11
CA ASP B 99 4.13 -17.96 -8.28
C ASP B 99 4.24 -16.87 -7.20
N ALA B 100 5.38 -16.83 -6.52
CA ALA B 100 5.62 -15.83 -5.49
C ALA B 100 5.68 -14.39 -6.03
N GLU B 101 6.35 -14.20 -7.17
CA GLU B 101 6.38 -12.90 -7.82
C GLU B 101 4.99 -12.38 -8.16
N LEU B 102 4.16 -13.27 -8.70
CA LEU B 102 2.80 -12.90 -9.05
C LEU B 102 1.94 -12.52 -7.84
N ARG B 103 2.08 -13.29 -6.76
CA ARG B 103 1.35 -13.00 -5.54
C ARG B 103 1.72 -11.65 -4.95
N ILE B 104 3.01 -11.33 -4.97
CA ILE B 104 3.46 -10.03 -4.49
C ILE B 104 2.90 -8.91 -5.35
N ALA B 105 3.02 -9.05 -6.67
CA ALA B 105 2.47 -8.06 -7.59
C ALA B 105 1.00 -7.78 -7.35
N GLN B 106 0.20 -8.83 -7.23
CA GLN B 106 -1.24 -8.70 -7.02
C GLN B 106 -1.63 -8.19 -5.64
N ALA B 107 -0.96 -8.70 -4.62
CA ALA B 107 -1.23 -8.26 -3.24
C ALA B 107 -0.93 -6.77 -3.04
N GLN B 108 0.12 -6.28 -3.68
CA GLN B 108 0.41 -4.86 -3.68
C GLN B 108 -0.77 -4.03 -4.19
N LEU B 109 -1.37 -4.49 -5.29
CA LEU B 109 -2.46 -3.77 -5.92
C LEU B 109 -3.71 -3.81 -5.07
N VAL B 110 -4.03 -4.99 -4.54
CA VAL B 110 -5.19 -5.17 -3.69
C VAL B 110 -5.08 -4.29 -2.45
N GLY B 111 -3.98 -4.41 -1.73
CA GLY B 111 -3.75 -3.60 -0.56
C GLY B 111 -3.86 -2.12 -0.86
N TRP B 112 -3.25 -1.69 -1.95
CA TRP B 112 -3.27 -0.27 -2.31
C TRP B 112 -4.68 0.22 -2.65
N LEU B 113 -5.40 -0.56 -3.46
CA LEU B 113 -6.79 -0.25 -3.83
C LEU B 113 -7.76 -0.23 -2.64
N GLU B 114 -7.65 -1.21 -1.75
CA GLU B 114 -8.48 -1.22 -0.56
C GLU B 114 -8.17 -0.04 0.35
N GLY B 115 -6.88 0.24 0.52
CA GLY B 115 -6.45 1.44 1.24
C GLY B 115 -6.91 2.71 0.57
N LEU B 116 -6.90 2.74 -0.76
CA LEU B 116 -7.34 3.91 -1.50
C LEU B 116 -8.79 4.31 -1.15
N PHE B 117 -9.72 3.37 -1.29
CA PHE B 117 -11.13 3.67 -1.04
C PHE B 117 -11.37 3.93 0.44
N HIS B 118 -10.83 3.05 1.28
CA HIS B 118 -10.96 3.19 2.73
C HIS B 118 -10.42 4.52 3.22
N GLY B 119 -9.24 4.87 2.73
CA GLY B 119 -8.58 6.12 3.08
C GLY B 119 -9.43 7.33 2.78
N ILE B 120 -10.07 7.32 1.61
CA ILE B 120 -10.88 8.45 1.16
C ILE B 120 -12.16 8.61 1.98
N GLN B 121 -12.86 7.49 2.23
CA GLN B 121 -14.08 7.51 3.04
C GLN B 121 -13.79 8.03 4.43
N THR B 122 -12.80 7.41 5.07
CA THR B 122 -12.36 7.81 6.41
C THR B 122 -11.99 9.28 6.49
N ALA B 123 -11.18 9.77 5.55
CA ALA B 123 -10.73 11.16 5.54
C ALA B 123 -11.90 12.12 5.26
N LEU B 124 -12.78 11.75 4.33
CA LEU B 124 -13.98 12.53 4.06
C LEU B 124 -14.87 12.63 5.30
N PHE B 125 -14.99 11.52 6.02
CA PHE B 125 -15.85 11.45 7.19
C PHE B 125 -15.34 12.36 8.32
N ALA B 126 -14.02 12.39 8.50
CA ALA B 126 -13.40 13.25 9.51
C ALA B 126 -13.60 14.74 9.20
N GLN B 127 -13.62 15.09 7.92
CA GLN B 127 -13.87 16.47 7.47
C GLN B 127 -15.33 16.89 7.72
N GLN B 128 -16.26 15.98 7.47
CA GLN B 128 -17.68 16.24 7.69
C GLN B 128 -18.03 16.38 9.17
N MSE B 129 -17.41 15.56 10.01
CA MSE B 129 -17.59 15.64 11.47
C MSE B 129 -16.90 16.88 12.06
O MSE B 129 -17.38 17.44 13.04
CB MSE B 129 -17.10 14.37 12.17
CG MSE B 129 -18.21 13.41 12.58
SE MSE B 129 -19.61 13.29 11.44
CE MSE B 129 -20.56 11.97 12.20
N ALA B 130 -15.79 17.29 11.46
CA ALA B 130 -15.12 18.53 11.86
C ALA B 130 -15.90 19.77 11.40
N ALA B 131 -16.74 19.60 10.38
CA ALA B 131 -17.61 20.67 9.89
C ALA B 131 -18.93 20.77 10.68
N ARG B 132 -19.18 19.81 11.58
CA ARG B 132 -20.32 19.91 12.50
C ARG B 132 -20.02 20.94 13.58
N ALA B 133 -18.92 20.75 14.30
CA ALA B 133 -18.51 21.66 15.38
C ALA B 133 -17.87 22.92 14.82
S SO4 C . -6.56 11.51 11.65
O1 SO4 C . -7.85 11.45 10.93
O2 SO4 C . -6.44 12.79 12.37
O3 SO4 C . -6.47 10.38 12.62
O4 SO4 C . -5.46 11.40 10.67
S SO4 D . -5.04 13.15 1.60
O1 SO4 D . -5.96 12.77 0.51
O2 SO4 D . -5.81 13.82 2.68
O3 SO4 D . -4.38 11.91 2.08
O4 SO4 D . -4.03 14.06 1.02
C1 MPD E . 9.50 16.08 0.58
C2 MPD E . 8.47 15.22 -0.12
O2 MPD E . 8.53 13.86 0.32
CM MPD E . 7.10 15.81 0.23
C3 MPD E . 8.67 15.24 -1.63
C4 MPD E . 10.01 14.66 -2.06
O4 MPD E . 9.93 13.25 -2.34
C5 MPD E . 10.54 15.42 -3.27
C1 MPD F . 16.12 12.65 4.87
C2 MPD F . 14.98 13.33 5.63
O2 MPD F . 14.14 12.43 6.38
CM MPD F . 15.59 14.27 6.67
C3 MPD F . 14.09 14.06 4.62
C4 MPD F . 13.07 13.17 3.91
O4 MPD F . 12.16 13.97 3.17
C5 MPD F . 13.65 12.22 2.89
C1 MPD G . -3.06 4.32 8.79
C2 MPD G . -3.40 2.85 8.64
O2 MPD G . -3.67 2.34 9.94
CM MPD G . -4.64 2.65 7.77
C3 MPD G . -2.20 2.12 8.06
C4 MPD G . -2.21 0.60 8.29
O4 MPD G . -2.92 -0.06 7.23
C5 MPD G . -0.79 0.07 8.36
S SO4 H . -16.01 6.66 -3.44
O1 SO4 H . -16.26 7.75 -4.41
O2 SO4 H . -16.58 7.01 -2.12
O3 SO4 H . -14.55 6.47 -3.30
O4 SO4 H . -16.66 5.42 -3.93
S SO4 I . -17.55 4.98 -12.93
O1 SO4 I . -17.64 6.45 -12.84
O2 SO4 I . -18.85 4.52 -13.47
O3 SO4 I . -16.50 4.49 -13.85
O4 SO4 I . -17.34 4.42 -11.58
C1 MPD J . -11.73 -1.73 -2.66
C2 MPD J . -12.01 -2.09 -4.11
O2 MPD J . -13.29 -2.77 -4.18
CM MPD J . -12.02 -0.78 -4.89
C3 MPD J . -10.90 -2.95 -4.73
C4 MPD J . -10.63 -4.29 -4.05
O4 MPD J . -11.43 -5.33 -4.65
C5 MPD J . -9.17 -4.68 -4.17
#